data_3MPX
#
_entry.id   3MPX
#
_cell.length_a   38.140
_cell.length_b   70.645
_cell.length_c   127.800
_cell.angle_alpha   90.000
_cell.angle_beta   90.000
_cell.angle_gamma   90.000
#
_symmetry.space_group_name_H-M   'P 21 21 21'
#
loop_
_entity.id
_entity.type
_entity.pdbx_description
1 polymer 'FYVE, RhoGEF and PH domain-containing protein 5'
2 non-polymer 'UNKNOWN ATOM OR ION'
#
_entity_poly.entity_id   1
_entity_poly.type   'polypeptide(L)'
_entity_poly.pdbx_seq_one_letter_code
;(MSE)HHHHHHSSGRENLYFQGGQSRALVIAQELLSSEKAYVE(MSE)LQHLNLDFHGAV(MSE)RALDD(MSE)DHEGR
DTLAREELRQGLSELPAIHDLHQGILEELEERLSNWESQQKVADVFLAREQGFDHHATHILQFDRYLGLLSENCLHSPRL
AAAVREFEQSVQGGSQTAKHRLLRVVQRLFQYQVLLTDYLNNLCPDSAEYDNTQGALSLISKVTDRANDS(MSE)EQGEN
LQKLVHIEHSVRGQGDLLQPGREFLKEGTL(MSE)KVTGKNRRPRHLFL(MSE)NDVLLYTYPQKDGKYRLKNTLAVAN
(MSE)KVSRPV(MSE)EKVPYALKIETSESCL(MSE)LSASSCAERDEWYGCLSRALPEDYKAQALAAFHHSVEIRERLG
VSLGERPPTLVPVTHV(MSE)(MSE)C(MSE)NCGCDFSLTLRRHHCHACGKIVCRNCSRNKYPLKYLKDR(MSE)AKVC
DGCFGELKKRG
;
_entity_poly.pdbx_strand_id   A
#
# COMPACT_ATOMS: atom_id res chain seq x y z
N GLN A 20 -7.20 -10.79 22.70
CA GLN A 20 -6.12 -10.47 23.65
C GLN A 20 -4.73 -10.89 23.14
N SER A 21 -4.56 -12.18 22.79
CA SER A 21 -3.33 -12.72 22.20
C SER A 21 -3.29 -12.18 20.77
N ARG A 22 -4.46 -12.20 20.13
CA ARG A 22 -4.70 -11.73 18.79
C ARG A 22 -4.30 -10.25 18.64
N ALA A 23 -4.70 -9.40 19.61
CA ALA A 23 -4.34 -7.98 19.60
C ALA A 23 -2.87 -7.79 19.97
N LEU A 24 -2.32 -8.70 20.81
CA LEU A 24 -0.91 -8.65 21.19
C LEU A 24 -0.01 -8.89 19.97
N VAL A 25 -0.33 -9.90 19.14
CA VAL A 25 0.44 -10.24 17.94
C VAL A 25 0.37 -9.09 16.89
N ILE A 26 -0.77 -8.36 16.84
CA ILE A 26 -0.94 -7.26 15.89
C ILE A 26 -0.05 -6.05 16.29
N ALA A 27 0.10 -5.76 17.61
CA ALA A 27 0.94 -4.68 18.08
C ALA A 27 2.38 -5.03 17.83
N GLN A 28 2.70 -6.33 17.97
CA GLN A 28 4.03 -6.87 17.66
C GLN A 28 4.27 -6.72 16.14
N GLU A 29 3.23 -7.01 15.30
CA GLU A 29 3.27 -6.84 13.83
C GLU A 29 3.46 -5.38 13.46
N LEU A 30 2.89 -4.48 14.26
CA LEU A 30 2.98 -3.05 14.08
C LEU A 30 4.38 -2.57 14.43
N LEU A 31 4.95 -3.06 15.56
CA LEU A 31 6.31 -2.69 15.96
C LEU A 31 7.38 -3.16 14.97
N SER A 32 7.34 -4.43 14.56
CA SER A 32 8.33 -5.01 13.64
C SER A 32 8.36 -4.29 12.30
N SER A 33 7.16 -4.01 11.73
CA SER A 33 6.98 -3.29 10.48
C SER A 33 7.34 -1.80 10.64
N GLU A 34 7.12 -1.23 11.85
CA GLU A 34 7.53 0.14 12.09
C GLU A 34 9.06 0.26 12.04
N LYS A 35 9.80 -0.69 12.69
CA LYS A 35 11.27 -0.74 12.68
C LYS A 35 11.77 -0.69 11.24
N ALA A 36 11.25 -1.62 10.40
CA ALA A 36 11.60 -1.71 8.98
C ALA A 36 11.34 -0.42 8.21
N TYR A 37 10.27 0.32 8.60
CA TYR A 37 9.85 1.58 7.99
C TYR A 37 10.77 2.72 8.37
N VAL A 38 11.20 2.76 9.65
CA VAL A 38 12.11 3.77 10.21
C VAL A 38 13.51 3.60 9.60
N GLU A 39 13.93 2.35 9.38
CA GLU A 39 15.19 1.96 8.72
C GLU A 39 15.12 2.47 7.26
N LEU A 41 13.07 4.96 6.13
CA LEU A 41 13.01 6.43 6.09
C LEU A 41 14.38 7.04 6.32
N GLN A 42 15.23 6.34 7.11
CA GLN A 42 16.60 6.69 7.47
C GLN A 42 17.43 6.81 6.20
N HIS A 43 17.57 5.69 5.45
CA HIS A 43 18.33 5.54 4.20
C HIS A 43 17.78 6.38 3.07
N LEU A 44 16.49 6.73 3.14
CA LEU A 44 15.87 7.62 2.19
C LEU A 44 16.44 9.02 2.43
N ASN A 45 16.52 9.44 3.70
CA ASN A 45 17.01 10.76 4.06
C ASN A 45 18.50 10.94 3.80
N LEU A 46 19.28 9.86 3.94
CA LEU A 46 20.71 9.90 3.70
C LEU A 46 21.00 9.83 2.21
N ASP A 47 20.40 8.87 1.51
CA ASP A 47 20.70 8.61 0.09
C ASP A 47 19.82 9.36 -0.91
N PHE A 48 18.64 9.83 -0.49
CA PHE A 48 17.79 10.55 -1.42
C PHE A 48 17.75 12.01 -1.05
N HIS A 49 17.13 12.39 0.09
CA HIS A 49 17.05 13.77 0.50
C HIS A 49 18.46 14.41 0.56
N GLY A 50 19.37 13.82 1.35
CA GLY A 50 20.74 14.30 1.51
C GLY A 50 21.48 14.53 0.19
N ALA A 51 21.47 13.52 -0.72
CA ALA A 51 22.15 13.59 -2.01
C ALA A 51 21.52 14.64 -2.94
N VAL A 52 20.19 14.81 -2.88
CA VAL A 52 19.47 15.78 -3.70
C VAL A 52 19.70 17.20 -3.13
N ARG A 54 22.39 18.18 -1.45
CA ARG A 54 23.78 18.41 -1.84
C ARG A 54 23.84 18.89 -3.30
N ALA A 55 23.15 18.19 -4.22
CA ALA A 55 23.12 18.57 -5.63
C ALA A 55 22.48 19.95 -5.82
N LEU A 56 21.22 20.15 -5.35
CA LEU A 56 20.47 21.42 -5.47
C LEU A 56 21.27 22.62 -4.92
N ASP A 57 22.00 22.44 -3.79
CA ASP A 57 22.89 23.45 -3.20
C ASP A 57 23.98 23.87 -4.19
N ASP A 58 24.50 22.91 -5.02
CA ASP A 58 25.52 23.18 -6.06
C ASP A 58 24.90 23.94 -7.23
N ASP A 60 22.52 26.03 -7.19
CA ASP A 60 22.20 27.42 -6.88
C ASP A 60 23.14 28.36 -7.66
N HIS A 61 24.43 27.97 -7.80
CA HIS A 61 25.52 28.67 -8.50
C HIS A 61 25.63 28.36 -10.02
N GLU A 62 24.74 27.51 -10.60
CA GLU A 62 24.74 27.16 -12.03
C GLU A 62 25.00 28.38 -12.95
N ASP A 65 13.75 26.91 -13.68
CA ASP A 65 15.09 26.63 -13.14
C ASP A 65 15.16 26.81 -11.61
N THR A 66 15.25 28.05 -11.05
CA THR A 66 15.25 28.32 -9.58
C THR A 66 13.91 27.82 -9.01
N LEU A 67 12.83 28.08 -9.78
CA LEU A 67 11.46 27.72 -9.43
C LEU A 67 11.32 26.20 -9.15
N ALA A 68 11.82 25.38 -10.08
CA ALA A 68 11.83 23.93 -10.03
C ALA A 68 12.58 23.46 -8.78
N ARG A 69 13.76 24.06 -8.51
CA ARG A 69 14.59 23.77 -7.34
C ARG A 69 13.85 24.09 -6.03
N GLU A 70 13.21 25.28 -5.96
CA GLU A 70 12.51 25.72 -4.75
C GLU A 70 11.34 24.82 -4.40
N GLU A 71 10.62 24.36 -5.43
CA GLU A 71 9.51 23.42 -5.29
C GLU A 71 10.06 22.06 -4.90
N LEU A 72 11.19 21.61 -5.52
CA LEU A 72 11.86 20.37 -5.11
C LEU A 72 12.25 20.41 -3.62
N ARG A 73 12.87 21.52 -3.19
CA ARG A 73 13.29 21.76 -1.82
C ARG A 73 12.11 21.69 -0.80
N GLN A 74 10.92 22.22 -1.19
CA GLN A 74 9.73 22.25 -0.31
C GLN A 74 9.18 20.84 -0.09
N GLY A 75 8.93 20.10 -1.17
CA GLY A 75 8.46 18.72 -1.17
C GLY A 75 9.44 17.79 -0.49
N LEU A 76 10.75 18.04 -0.66
CA LEU A 76 11.80 17.23 -0.03
C LEU A 76 11.96 17.55 1.45
N SER A 77 11.46 18.71 1.94
CA SER A 77 11.60 19.11 3.34
C SER A 77 10.76 18.24 4.29
N GLU A 78 9.72 17.61 3.74
CA GLU A 78 8.78 16.75 4.43
C GLU A 78 9.40 15.43 4.89
N LEU A 79 10.39 14.90 4.12
CA LEU A 79 11.05 13.63 4.41
C LEU A 79 11.70 13.60 5.79
N PRO A 80 12.57 14.58 6.20
CA PRO A 80 13.13 14.55 7.58
C PRO A 80 12.09 14.67 8.70
N ALA A 81 11.03 15.49 8.47
CA ALA A 81 9.93 15.68 9.40
C ALA A 81 9.18 14.38 9.61
N ILE A 82 9.02 13.57 8.53
CA ILE A 82 8.35 12.27 8.59
C ILE A 82 9.25 11.28 9.30
N HIS A 83 10.54 11.23 8.93
CA HIS A 83 11.52 10.37 9.59
C HIS A 83 11.49 10.53 11.14
N ASP A 84 11.48 11.79 11.62
CA ASP A 84 11.47 12.15 13.02
C ASP A 84 10.18 11.71 13.68
N LEU A 85 9.04 11.85 12.96
CA LEU A 85 7.72 11.46 13.44
C LEU A 85 7.69 9.98 13.76
N HIS A 86 8.19 9.15 12.82
CA HIS A 86 8.20 7.70 12.92
C HIS A 86 9.29 7.21 13.86
N GLN A 87 10.44 7.93 13.94
CA GLN A 87 11.49 7.59 14.92
C GLN A 87 10.85 7.62 16.34
N GLY A 88 10.02 8.64 16.61
CA GLY A 88 9.30 8.80 17.86
C GLY A 88 8.26 7.72 18.13
N ILE A 89 7.42 7.38 17.09
CA ILE A 89 6.38 6.33 17.11
C ILE A 89 7.06 5.00 17.52
N LEU A 90 8.16 4.64 16.84
CA LEU A 90 8.99 3.46 17.14
C LEU A 90 9.46 3.45 18.64
N GLU A 91 10.03 4.55 19.14
CA GLU A 91 10.51 4.64 20.52
C GLU A 91 9.37 4.41 21.53
N GLU A 92 8.19 4.98 21.27
CA GLU A 92 7.00 4.81 22.12
C GLU A 92 6.45 3.39 21.99
N LEU A 93 6.43 2.84 20.75
CA LEU A 93 5.95 1.49 20.48
C LEU A 93 6.84 0.45 21.14
N GLU A 94 8.18 0.60 21.01
CA GLU A 94 9.18 -0.30 21.62
C GLU A 94 8.92 -0.44 23.10
N GLU A 95 8.77 0.71 23.81
CA GLU A 95 8.55 0.81 25.25
C GLU A 95 7.21 0.26 25.70
N ARG A 96 6.12 0.56 24.96
CA ARG A 96 4.76 0.12 25.28
C ARG A 96 4.55 -1.40 25.17
N LEU A 97 5.30 -2.05 24.28
CA LEU A 97 5.23 -3.49 24.08
C LEU A 97 6.11 -4.25 25.08
N SER A 98 7.02 -3.53 25.74
CA SER A 98 7.89 -4.07 26.79
C SER A 98 7.08 -4.14 28.09
N ASN A 99 6.16 -3.18 28.29
CA ASN A 99 5.31 -3.15 29.47
C ASN A 99 3.87 -3.53 29.10
N TRP A 100 3.69 -4.56 28.22
CA TRP A 100 2.36 -4.99 27.79
C TRP A 100 1.56 -5.71 28.86
N GLU A 101 2.23 -6.35 29.84
CA GLU A 101 1.52 -7.06 30.92
C GLU A 101 1.13 -6.15 32.10
N SER A 102 1.22 -4.82 31.91
CA SER A 102 0.84 -3.81 32.90
C SER A 102 -0.20 -2.86 32.28
N GLN A 103 0.11 -2.33 31.07
CA GLN A 103 -0.75 -1.48 30.24
C GLN A 103 -0.72 -2.07 28.83
N GLN A 104 -1.88 -2.42 28.26
CA GLN A 104 -1.99 -3.01 26.94
C GLN A 104 -2.68 -2.02 25.98
N LYS A 105 -2.01 -0.86 25.80
CA LYS A 105 -2.44 0.30 25.01
C LYS A 105 -1.37 0.78 24.02
N VAL A 106 -1.76 0.99 22.72
CA VAL A 106 -0.88 1.51 21.66
C VAL A 106 -1.56 2.60 20.82
N ALA A 107 -2.89 2.51 20.58
CA ALA A 107 -3.63 3.43 19.73
C ALA A 107 -3.35 4.92 20.02
N ASP A 108 -3.36 5.33 21.31
CA ASP A 108 -3.11 6.71 21.77
C ASP A 108 -1.76 7.31 21.29
N VAL A 109 -0.82 6.46 20.86
CA VAL A 109 0.45 6.89 20.28
C VAL A 109 0.15 7.66 18.97
N PHE A 110 -0.87 7.22 18.20
CA PHE A 110 -1.23 7.90 16.96
C PHE A 110 -1.94 9.25 17.24
N LEU A 111 -2.94 9.22 18.14
CA LEU A 111 -3.74 10.37 18.61
C LEU A 111 -2.88 11.53 19.09
N ALA A 112 -1.81 11.20 19.82
CA ALA A 112 -0.89 12.18 20.39
C ALA A 112 -0.13 12.96 19.29
N ARG A 113 -0.06 12.36 18.07
CA ARG A 113 0.68 12.83 16.93
C ARG A 113 -0.22 13.32 15.77
N GLU A 114 -1.15 14.24 16.05
CA GLU A 114 -2.00 14.80 15.01
C GLU A 114 -1.17 15.70 14.08
N GLN A 115 -0.36 16.60 14.67
CA GLN A 115 0.58 17.53 14.02
C GLN A 115 1.62 16.75 13.19
N GLY A 116 2.01 15.58 13.66
CA GLY A 116 2.99 14.73 12.98
C GLY A 116 2.54 14.22 11.63
N PHE A 117 1.33 13.62 11.61
CA PHE A 117 0.70 13.08 10.41
C PHE A 117 0.28 14.20 9.45
N ASP A 118 0.42 15.47 9.87
CA ASP A 118 0.09 16.60 8.99
C ASP A 118 1.17 16.76 7.95
N HIS A 119 2.42 16.36 8.29
CA HIS A 119 3.56 16.34 7.37
C HIS A 119 3.28 15.33 6.24
N HIS A 120 2.66 14.17 6.59
CA HIS A 120 2.16 13.17 5.63
C HIS A 120 1.15 13.82 4.65
N ALA A 121 0.16 14.56 5.17
CA ALA A 121 -0.86 15.25 4.39
C ALA A 121 -0.23 16.27 3.44
N THR A 122 0.76 17.04 3.96
CA THR A 122 1.51 18.05 3.23
C THR A 122 2.37 17.40 2.14
N HIS A 123 2.99 16.23 2.45
CA HIS A 123 3.82 15.48 1.52
C HIS A 123 3.00 14.97 0.36
N ILE A 124 1.84 14.36 0.67
CA ILE A 124 0.86 13.82 -0.28
C ILE A 124 0.40 14.93 -1.25
N LEU A 125 0.03 16.13 -0.71
CA LEU A 125 -0.47 17.28 -1.46
C LEU A 125 0.47 17.78 -2.54
N GLN A 126 1.79 17.66 -2.34
CA GLN A 126 2.77 18.12 -3.34
C GLN A 126 3.61 16.97 -3.97
N PHE A 127 3.30 15.72 -3.59
CA PHE A 127 3.95 14.47 -4.03
C PHE A 127 4.20 14.43 -5.57
N ASP A 128 3.15 14.35 -6.39
CA ASP A 128 3.29 14.25 -7.84
C ASP A 128 4.07 15.43 -8.45
N ARG A 129 3.94 16.66 -7.87
CA ARG A 129 4.56 17.90 -8.36
C ARG A 129 6.08 17.83 -8.25
N TYR A 130 6.63 17.60 -7.04
CA TYR A 130 8.07 17.55 -6.88
C TYR A 130 8.70 16.28 -7.47
N LEU A 131 7.93 15.20 -7.56
CA LEU A 131 8.49 13.98 -8.14
C LEU A 131 8.50 13.99 -9.65
N GLY A 132 7.56 14.71 -10.26
CA GLY A 132 7.51 14.87 -11.71
C GLY A 132 8.60 15.83 -12.14
N LEU A 133 8.74 16.90 -11.35
CA LEU A 133 9.73 17.97 -11.44
C LEU A 133 11.14 17.36 -11.31
N LEU A 134 11.29 16.27 -10.54
CA LEU A 134 12.56 15.59 -10.32
C LEU A 134 13.02 14.85 -11.57
N SER A 135 12.22 13.91 -12.11
CA SER A 135 12.61 13.17 -13.33
C SER A 135 12.76 14.12 -14.52
N GLU A 136 11.89 15.15 -14.61
CA GLU A 136 11.96 16.15 -15.68
C GLU A 136 13.26 16.90 -15.59
N ASN A 137 13.61 17.41 -14.39
CA ASN A 137 14.82 18.19 -14.17
C ASN A 137 16.10 17.36 -14.23
N CYS A 138 15.99 16.02 -14.24
CA CYS A 138 17.16 15.16 -14.38
C CYS A 138 17.62 15.07 -15.86
N LEU A 139 16.67 15.21 -16.81
CA LEU A 139 16.88 15.14 -18.25
C LEU A 139 17.80 16.27 -18.80
N HIS A 140 18.09 17.32 -17.99
CA HIS A 140 18.92 18.43 -18.43
C HIS A 140 19.71 19.03 -17.26
N SER A 141 19.99 18.19 -16.25
CA SER A 141 20.74 18.54 -15.06
C SER A 141 21.68 17.40 -14.67
N PRO A 142 22.90 17.33 -15.26
CA PRO A 142 23.85 16.28 -14.89
C PRO A 142 24.01 16.08 -13.37
N ARG A 143 24.13 17.15 -12.58
CA ARG A 143 24.25 17.13 -11.12
C ARG A 143 23.02 16.48 -10.44
N LEU A 144 21.79 16.87 -10.84
CA LEU A 144 20.59 16.27 -10.26
C LEU A 144 20.47 14.81 -10.75
N ALA A 145 20.81 14.55 -12.03
CA ALA A 145 20.80 13.19 -12.57
C ALA A 145 21.75 12.30 -11.79
N ALA A 146 22.96 12.79 -11.50
CA ALA A 146 23.99 12.11 -10.72
C ALA A 146 23.49 11.78 -9.32
N ALA A 147 22.67 12.67 -8.71
CA ALA A 147 22.14 12.45 -7.37
C ALA A 147 21.06 11.39 -7.38
N VAL A 148 20.11 11.48 -8.33
CA VAL A 148 19.01 10.52 -8.46
C VAL A 148 19.52 9.12 -8.85
N ARG A 149 20.46 8.99 -9.82
CA ARG A 149 21.08 7.71 -10.21
C ARG A 149 21.61 7.02 -8.95
N GLU A 150 22.57 7.69 -8.25
CA GLU A 150 23.19 7.25 -6.98
C GLU A 150 22.18 6.70 -5.96
N PHE A 151 20.94 7.22 -5.96
CA PHE A 151 19.89 6.76 -5.08
C PHE A 151 19.23 5.55 -5.70
N GLU A 152 18.73 5.66 -6.98
CA GLU A 152 18.05 4.58 -7.75
C GLU A 152 18.89 3.26 -7.79
N GLN A 153 20.16 3.37 -7.39
CA GLN A 153 21.15 2.33 -7.24
C GLN A 153 20.76 1.42 -6.05
N SER A 154 20.30 2.04 -4.92
CA SER A 154 19.89 1.51 -3.60
C SER A 154 21.12 1.26 -2.73
N THR A 161 12.83 3.28 -9.77
CA THR A 161 12.38 4.64 -10.04
C THR A 161 11.98 5.34 -8.73
N ALA A 162 12.55 6.56 -8.48
CA ALA A 162 12.35 7.36 -7.27
C ALA A 162 10.87 7.54 -6.91
N LYS A 163 10.02 8.01 -7.86
CA LYS A 163 8.56 8.17 -7.62
C LYS A 163 7.92 6.87 -7.13
N HIS A 164 8.43 5.72 -7.59
CA HIS A 164 7.92 4.43 -7.15
C HIS A 164 8.44 4.10 -5.76
N ARG A 165 9.72 4.41 -5.51
CA ARG A 165 10.38 4.18 -4.24
C ARG A 165 9.85 5.14 -3.12
N LEU A 166 9.08 6.20 -3.48
CA LEU A 166 8.53 7.13 -2.50
C LEU A 166 7.06 6.84 -2.17
N LEU A 167 6.38 6.00 -3.00
CA LEU A 167 5.02 5.54 -2.70
C LEU A 167 5.10 4.77 -1.38
N ARG A 168 6.26 4.09 -1.15
CA ARG A 168 6.59 3.30 0.03
C ARG A 168 6.47 4.12 1.33
N VAL A 169 6.71 5.45 1.25
CA VAL A 169 6.52 6.40 2.35
C VAL A 169 5.02 6.50 2.67
N VAL A 170 4.18 6.87 1.68
CA VAL A 170 2.73 7.06 1.75
C VAL A 170 1.96 5.74 2.01
N GLN A 171 2.57 4.61 1.68
CA GLN A 171 1.96 3.30 1.83
C GLN A 171 1.77 2.89 3.32
N ARG A 172 2.70 3.32 4.22
CA ARG A 172 2.61 3.03 5.66
C ARG A 172 1.26 3.43 6.25
N LEU A 173 0.69 4.55 5.73
CA LEU A 173 -0.59 5.08 6.15
C LEU A 173 -1.73 4.09 5.90
N PHE A 174 -1.73 3.39 4.75
CA PHE A 174 -2.75 2.38 4.43
C PHE A 174 -2.54 1.08 5.29
N GLN A 175 -1.28 0.83 5.70
CA GLN A 175 -0.89 -0.25 6.57
C GLN A 175 -1.41 -0.03 7.99
N TYR A 176 -1.32 1.20 8.53
CA TYR A 176 -1.86 1.51 9.86
C TYR A 176 -3.38 1.23 9.84
N GLN A 177 -4.10 1.68 8.79
CA GLN A 177 -5.51 1.44 8.54
C GLN A 177 -5.85 -0.04 8.59
N VAL A 178 -5.13 -0.89 7.84
CA VAL A 178 -5.41 -2.34 7.84
C VAL A 178 -5.05 -2.99 9.20
N LEU A 179 -3.88 -2.64 9.78
CA LEU A 179 -3.44 -3.18 11.06
C LEU A 179 -4.37 -2.77 12.18
N LEU A 180 -4.73 -1.46 12.24
CA LEU A 180 -5.55 -0.88 13.29
C LEU A 180 -6.98 -1.40 13.26
N THR A 181 -7.46 -1.76 12.05
CA THR A 181 -8.78 -2.39 11.88
C THR A 181 -8.70 -3.85 12.39
N ASP A 182 -7.57 -4.55 12.19
CA ASP A 182 -7.44 -5.91 12.72
C ASP A 182 -7.26 -5.85 14.25
N TYR A 183 -6.68 -4.76 14.76
CA TYR A 183 -6.47 -4.52 16.16
C TYR A 183 -7.79 -4.24 16.87
N LEU A 184 -8.67 -3.44 16.24
CA LEU A 184 -9.99 -3.04 16.77
C LEU A 184 -10.92 -4.24 16.91
N ASN A 185 -10.89 -5.18 15.92
CA ASN A 185 -11.73 -6.40 15.91
C ASN A 185 -11.45 -7.35 17.07
N ASN A 186 -10.28 -7.20 17.71
CA ASN A 186 -9.91 -8.03 18.85
C ASN A 186 -10.00 -7.27 20.17
N LEU A 187 -10.42 -5.99 20.13
CA LEU A 187 -10.56 -5.20 21.35
C LEU A 187 -11.98 -5.33 21.89
N CYS A 188 -12.13 -5.05 23.20
CA CYS A 188 -13.44 -5.07 23.84
C CYS A 188 -14.18 -3.82 23.37
N PRO A 189 -15.39 -3.95 22.75
CA PRO A 189 -16.11 -2.76 22.24
C PRO A 189 -16.44 -1.69 23.28
N ASP A 190 -16.10 -1.95 24.54
CA ASP A 190 -16.35 -1.09 25.69
C ASP A 190 -15.04 -0.70 26.40
N SER A 191 -13.98 -0.47 25.61
CA SER A 191 -12.66 -0.12 26.14
C SER A 191 -12.21 1.26 25.71
N ALA A 192 -11.45 1.93 26.59
CA ALA A 192 -10.84 3.22 26.27
C ALA A 192 -9.88 3.05 25.06
N GLU A 193 -9.41 1.81 24.80
CA GLU A 193 -8.52 1.47 23.69
C GLU A 193 -9.32 1.27 22.39
N TYR A 194 -10.55 0.71 22.45
CA TYR A 194 -11.42 0.54 21.27
C TYR A 194 -11.78 1.92 20.75
N ASP A 195 -12.02 2.87 21.67
CA ASP A 195 -12.34 4.26 21.40
C ASP A 195 -11.17 4.97 20.74
N ASN A 196 -9.99 4.88 21.36
CA ASN A 196 -8.73 5.45 20.86
C ASN A 196 -8.33 4.91 19.49
N THR A 197 -8.56 3.59 19.23
CA THR A 197 -8.26 2.92 17.95
C THR A 197 -9.12 3.54 16.86
N GLN A 198 -10.42 3.79 17.16
CA GLN A 198 -11.38 4.44 16.27
C GLN A 198 -10.91 5.86 15.93
N GLY A 199 -10.45 6.59 16.95
CA GLY A 199 -9.92 7.94 16.84
C GLY A 199 -8.67 8.00 15.99
N ALA A 200 -7.74 7.03 16.20
CA ALA A 200 -6.50 6.88 15.42
C ALA A 200 -6.85 6.48 13.99
N LEU A 201 -7.96 5.76 13.82
CA LEU A 201 -8.39 5.34 12.50
C LEU A 201 -8.95 6.49 11.70
N SER A 202 -9.66 7.40 12.36
CA SER A 202 -10.26 8.54 11.69
C SER A 202 -9.19 9.61 11.41
N LEU A 203 -8.21 9.72 12.33
CA LEU A 203 -7.07 10.64 12.24
C LEU A 203 -6.26 10.29 10.99
N ILE A 204 -5.99 8.99 10.76
CA ILE A 204 -5.22 8.51 9.60
C ILE A 204 -6.06 8.61 8.34
N SER A 205 -7.39 8.38 8.45
CA SER A 205 -8.28 8.44 7.29
C SER A 205 -8.36 9.86 6.78
N LYS A 206 -8.24 10.87 7.68
CA LYS A 206 -8.22 12.29 7.32
C LYS A 206 -6.99 12.54 6.43
N VAL A 207 -5.86 11.87 6.75
CA VAL A 207 -4.61 11.96 5.99
C VAL A 207 -4.67 11.18 4.66
N THR A 208 -5.11 9.90 4.68
CA THR A 208 -5.19 9.04 3.47
C THR A 208 -6.24 9.54 2.46
N ASP A 209 -7.23 10.30 2.94
CA ASP A 209 -8.23 10.89 2.06
C ASP A 209 -7.53 11.72 0.98
N ARG A 210 -6.51 12.51 1.41
CA ARG A 210 -5.70 13.38 0.56
C ARG A 210 -4.90 12.55 -0.48
N ALA A 211 -4.44 11.35 -0.10
CA ALA A 211 -3.68 10.49 -1.03
C ALA A 211 -4.58 10.08 -2.22
N ASN A 212 -5.80 9.65 -1.92
CA ASN A 212 -6.83 9.24 -2.86
C ASN A 212 -7.29 10.35 -3.78
N ASP A 213 -7.31 11.60 -3.31
CA ASP A 213 -7.79 12.70 -4.15
C ASP A 213 -6.70 13.65 -4.68
N SER A 214 -5.42 13.52 -4.21
CA SER A 214 -4.31 14.42 -4.63
C SER A 214 -3.11 13.69 -5.26
N GLU A 216 -2.13 10.61 -8.17
CA GLU A 216 -2.62 9.76 -9.26
C GLU A 216 -2.48 8.24 -8.91
N GLN A 217 -1.59 7.88 -7.96
CA GLN A 217 -1.36 6.51 -7.55
C GLN A 217 -1.96 6.14 -6.17
N GLY A 218 -2.59 7.10 -5.51
CA GLY A 218 -3.20 6.94 -4.19
C GLY A 218 -4.29 5.89 -4.10
N GLU A 219 -5.27 5.93 -5.04
CA GLU A 219 -6.39 4.95 -5.04
C GLU A 219 -5.89 3.54 -5.28
N ASN A 220 -4.94 3.39 -6.23
CA ASN A 220 -4.31 2.12 -6.55
C ASN A 220 -3.44 1.59 -5.41
N LEU A 221 -2.64 2.48 -4.76
CA LEU A 221 -1.80 2.15 -3.63
C LEU A 221 -2.66 1.55 -2.51
N GLN A 222 -3.84 2.14 -2.28
CA GLN A 222 -4.80 1.67 -1.30
C GLN A 222 -5.32 0.29 -1.68
N LYS A 223 -5.84 0.11 -2.92
CA LYS A 223 -6.35 -1.21 -3.37
C LYS A 223 -5.35 -2.31 -3.10
N LEU A 224 -4.08 -2.12 -3.53
CA LEU A 224 -3.01 -3.10 -3.38
C LEU A 224 -2.63 -3.36 -1.93
N VAL A 225 -2.74 -2.33 -1.03
CA VAL A 225 -2.42 -2.54 0.38
C VAL A 225 -3.53 -3.41 1.03
N HIS A 226 -4.81 -3.12 0.71
CA HIS A 226 -5.93 -3.89 1.24
C HIS A 226 -5.99 -5.32 0.65
N ILE A 227 -5.63 -5.49 -0.65
CA ILE A 227 -5.62 -6.80 -1.34
C ILE A 227 -4.47 -7.67 -0.82
N GLU A 228 -3.29 -7.08 -0.55
CA GLU A 228 -2.18 -7.86 0.01
C GLU A 228 -2.61 -8.43 1.36
N HIS A 229 -3.10 -7.59 2.27
CA HIS A 229 -3.55 -7.90 3.62
C HIS A 229 -4.70 -8.94 3.66
N SER A 230 -5.57 -8.96 2.62
CA SER A 230 -6.69 -9.90 2.60
C SER A 230 -6.24 -11.30 2.15
N VAL A 231 -5.39 -11.38 1.12
CA VAL A 231 -4.92 -12.66 0.60
C VAL A 231 -3.83 -13.30 1.50
N ARG A 232 -4.10 -14.54 2.00
CA ARG A 232 -3.16 -15.40 2.73
C ARG A 232 -2.37 -16.12 1.60
N GLY A 233 -1.16 -15.60 1.31
CA GLY A 233 -0.32 -16.13 0.24
C GLY A 233 0.33 -15.09 -0.67
N GLN A 234 -0.27 -13.90 -0.79
CA GLN A 234 0.24 -12.78 -1.60
C GLN A 234 0.91 -11.78 -0.65
N GLY A 235 2.23 -11.66 -0.81
CA GLY A 235 3.12 -10.83 -0.01
C GLY A 235 3.06 -9.34 -0.23
N ASP A 236 3.55 -8.84 -1.37
CA ASP A 236 3.59 -7.40 -1.62
C ASP A 236 3.34 -7.13 -3.08
N LEU A 237 2.20 -6.52 -3.38
CA LEU A 237 1.79 -6.26 -4.75
C LEU A 237 2.39 -4.99 -5.32
N LEU A 238 3.01 -4.15 -4.46
CA LEU A 238 3.54 -2.88 -4.93
C LEU A 238 4.65 -3.13 -5.95
N GLN A 239 4.28 -3.02 -7.24
CA GLN A 239 5.15 -3.19 -8.40
C GLN A 239 4.94 -2.01 -9.39
N PRO A 240 6.01 -1.47 -10.00
CA PRO A 240 5.84 -0.30 -10.89
C PRO A 240 4.97 -0.62 -12.08
N GLY A 241 3.99 0.26 -12.34
CA GLY A 241 3.04 0.14 -13.43
C GLY A 241 1.82 -0.73 -13.15
N ARG A 242 1.89 -1.58 -12.08
CA ARG A 242 0.81 -2.49 -11.67
C ARG A 242 -0.42 -1.68 -11.24
N GLU A 243 -1.59 -2.08 -11.76
CA GLU A 243 -2.84 -1.39 -11.49
C GLU A 243 -3.97 -2.40 -11.40
N PHE A 244 -4.73 -2.34 -10.30
CA PHE A 244 -5.90 -3.19 -10.03
C PHE A 244 -6.99 -2.87 -11.08
N LEU A 245 -7.62 -3.91 -11.66
CA LEU A 245 -8.66 -3.69 -12.69
C LEU A 245 -10.02 -4.25 -12.32
N LYS A 246 -10.11 -5.52 -11.85
CA LYS A 246 -11.38 -6.14 -11.47
C LYS A 246 -11.24 -7.24 -10.40
N GLU A 247 -12.24 -7.34 -9.51
CA GLU A 247 -12.33 -8.42 -8.54
C GLU A 247 -13.72 -9.06 -8.68
N GLY A 248 -13.87 -10.27 -8.13
CA GLY A 248 -15.11 -11.04 -8.22
C GLY A 248 -14.87 -12.53 -8.16
N THR A 249 -15.86 -13.25 -7.63
CA THR A 249 -15.85 -14.69 -7.45
C THR A 249 -16.49 -15.38 -8.64
N LEU A 250 -15.88 -16.49 -9.08
CA LEU A 250 -16.38 -17.34 -10.14
C LEU A 250 -16.27 -18.78 -9.64
N LYS A 252 -15.16 -22.70 -9.98
CA LYS A 252 -14.18 -23.59 -10.61
C LYS A 252 -14.94 -24.86 -10.96
N VAL A 253 -14.95 -25.24 -12.25
CA VAL A 253 -15.67 -26.43 -12.71
C VAL A 253 -14.73 -27.64 -12.77
N THR A 254 -14.83 -28.50 -11.74
CA THR A 254 -14.07 -29.75 -11.57
C THR A 254 -15.08 -30.88 -11.72
N GLY A 255 -15.24 -31.33 -12.96
CA GLY A 255 -16.21 -32.35 -13.35
C GLY A 255 -17.62 -31.79 -13.37
N LYS A 256 -18.41 -32.15 -12.35
CA LYS A 256 -19.79 -31.70 -12.14
C LYS A 256 -19.83 -30.83 -10.88
N ASN A 257 -18.75 -30.92 -10.06
CA ASN A 257 -18.56 -30.17 -8.82
C ASN A 257 -18.21 -28.70 -9.13
N ARG A 258 -18.75 -27.77 -8.31
CA ARG A 258 -18.55 -26.32 -8.47
C ARG A 258 -18.03 -25.72 -7.15
N ARG A 259 -16.75 -25.28 -7.17
CA ARG A 259 -16.06 -24.69 -6.00
C ARG A 259 -15.73 -23.21 -6.25
N PRO A 260 -16.00 -22.32 -5.27
CA PRO A 260 -15.77 -20.88 -5.50
C PRO A 260 -14.31 -20.43 -5.50
N ARG A 261 -13.98 -19.55 -6.47
CA ARG A 261 -12.65 -18.97 -6.60
C ARG A 261 -12.77 -17.46 -6.77
N HIS A 262 -12.13 -16.67 -5.85
CA HIS A 262 -12.18 -15.21 -5.91
C HIS A 262 -11.01 -14.69 -6.72
N LEU A 263 -11.29 -13.88 -7.77
CA LEU A 263 -10.28 -13.36 -8.70
C LEU A 263 -9.88 -11.88 -8.54
N PHE A 264 -8.56 -11.60 -8.38
CA PHE A 264 -8.06 -10.22 -8.36
C PHE A 264 -7.27 -9.97 -9.68
N LEU A 265 -7.91 -9.29 -10.65
CA LEU A 265 -7.31 -9.00 -11.96
C LEU A 265 -6.57 -7.63 -12.01
N ASN A 267 -3.37 -5.46 -14.36
CA ASN A 267 -2.84 -5.36 -15.72
C ASN A 267 -1.57 -6.23 -15.83
N ASP A 268 -0.91 -6.40 -14.69
CA ASP A 268 0.32 -7.12 -14.52
C ASP A 268 0.06 -8.62 -14.42
N VAL A 269 -0.51 -9.06 -13.29
CA VAL A 269 -0.75 -10.44 -12.88
C VAL A 269 -2.24 -10.71 -12.47
N LEU A 270 -2.66 -12.00 -12.50
CA LEU A 270 -4.01 -12.43 -12.12
C LEU A 270 -3.98 -13.30 -10.88
N LEU A 271 -4.48 -12.77 -9.76
CA LEU A 271 -4.55 -13.53 -8.51
C LEU A 271 -5.78 -14.42 -8.58
N TYR A 272 -5.56 -15.71 -8.27
CA TYR A 272 -6.55 -16.79 -8.29
C TYR A 272 -6.60 -17.25 -6.86
N THR A 273 -7.69 -16.95 -6.16
CA THR A 273 -7.79 -17.25 -4.74
C THR A 273 -9.03 -18.13 -4.39
N TYR A 274 -9.21 -18.39 -3.08
CA TYR A 274 -10.34 -19.09 -2.50
C TYR A 274 -10.91 -18.22 -1.35
N PRO A 275 -12.20 -17.84 -1.43
CA PRO A 275 -12.77 -17.04 -0.34
C PRO A 275 -13.06 -17.82 0.93
N GLN A 276 -12.44 -17.41 2.04
CA GLN A 276 -12.63 -18.02 3.36
C GLN A 276 -13.74 -17.32 4.18
N LYS A 277 -14.26 -18.01 5.23
CA LYS A 277 -15.30 -17.55 6.18
C LYS A 277 -14.90 -16.23 6.89
N ASP A 278 -13.58 -15.99 7.00
CA ASP A 278 -12.84 -14.86 7.54
C ASP A 278 -13.02 -13.53 6.77
N GLY A 279 -13.48 -13.61 5.52
CA GLY A 279 -13.54 -12.45 4.64
C GLY A 279 -12.20 -12.33 3.95
N LYS A 280 -11.22 -13.11 4.44
CA LYS A 280 -9.87 -13.23 3.91
C LYS A 280 -9.87 -14.32 2.81
N TYR A 281 -8.81 -14.39 2.02
CA TYR A 281 -8.69 -15.33 0.91
C TYR A 281 -7.38 -16.14 1.00
N ARG A 282 -7.16 -17.07 0.04
CA ARG A 282 -5.98 -17.94 -0.02
C ARG A 282 -5.49 -17.98 -1.46
N LEU A 283 -4.26 -17.52 -1.71
CA LEU A 283 -3.69 -17.52 -3.06
C LEU A 283 -3.54 -18.96 -3.51
N LYS A 284 -4.27 -19.34 -4.59
CA LYS A 284 -4.28 -20.70 -5.10
C LYS A 284 -3.32 -20.91 -6.25
N ASN A 285 -3.11 -19.87 -7.06
CA ASN A 285 -2.22 -19.84 -8.23
C ASN A 285 -2.16 -18.38 -8.67
N THR A 286 -1.21 -18.06 -9.54
CA THR A 286 -1.03 -16.69 -10.05
C THR A 286 -0.77 -16.82 -11.54
N LEU A 287 -1.37 -15.94 -12.36
CA LEU A 287 -1.29 -15.97 -13.82
C LEU A 287 -0.81 -14.65 -14.42
N ALA A 288 -0.09 -14.67 -15.57
CA ALA A 288 0.40 -13.43 -16.18
C ALA A 288 -0.48 -12.92 -17.31
N VAL A 289 -1.12 -11.73 -17.10
CA VAL A 289 -2.05 -11.09 -18.05
C VAL A 289 -1.35 -10.73 -19.36
N SER A 295 -11.06 -17.54 -23.81
CA SER A 295 -12.13 -18.07 -24.67
C SER A 295 -13.51 -18.14 -23.96
N ARG A 296 -14.59 -18.14 -24.75
CA ARG A 296 -15.95 -18.29 -24.23
C ARG A 296 -16.55 -19.60 -24.81
N PRO A 297 -16.19 -20.80 -24.28
CA PRO A 297 -16.72 -22.05 -24.85
C PRO A 297 -18.22 -22.22 -24.69
N VAL A 298 -18.79 -23.16 -25.46
CA VAL A 298 -20.21 -23.48 -25.36
C VAL A 298 -20.32 -24.91 -24.86
N GLU A 300 -23.12 -27.33 -22.29
CA GLU A 300 -24.41 -27.50 -21.59
C GLU A 300 -24.33 -27.45 -20.06
N LYS A 301 -23.65 -28.44 -19.44
CA LYS A 301 -23.51 -28.56 -17.99
C LYS A 301 -22.71 -27.40 -17.34
N VAL A 302 -22.13 -26.50 -18.17
CA VAL A 302 -21.37 -25.32 -17.73
C VAL A 302 -21.89 -24.08 -18.48
N PRO A 303 -23.10 -23.58 -18.18
CA PRO A 303 -23.54 -22.34 -18.84
C PRO A 303 -22.76 -21.15 -18.25
N TYR A 304 -22.60 -20.08 -19.06
CA TYR A 304 -21.86 -18.86 -18.70
C TYR A 304 -20.41 -19.26 -18.33
N ALA A 305 -19.69 -19.83 -19.32
CA ALA A 305 -18.35 -20.38 -19.15
C ALA A 305 -17.20 -19.45 -19.59
N LEU A 306 -16.15 -19.40 -18.76
CA LEU A 306 -14.96 -18.58 -19.00
C LEU A 306 -13.67 -19.44 -18.98
N LYS A 307 -12.94 -19.44 -20.11
CA LYS A 307 -11.70 -20.18 -20.29
C LYS A 307 -10.52 -19.21 -20.46
N ILE A 308 -9.75 -19.02 -19.37
CA ILE A 308 -8.58 -18.15 -19.33
C ILE A 308 -7.38 -19.04 -19.64
N GLU A 309 -6.64 -18.72 -20.73
CA GLU A 309 -5.51 -19.55 -21.15
C GLU A 309 -4.21 -18.78 -21.28
N THR A 310 -3.12 -19.42 -20.79
CA THR A 310 -1.71 -19.00 -20.89
C THR A 310 -0.85 -20.28 -21.17
N SER A 311 0.45 -20.13 -21.51
CA SER A 311 1.32 -21.29 -21.79
C SER A 311 1.60 -22.16 -20.55
N GLU A 312 1.49 -21.57 -19.33
CA GLU A 312 1.74 -22.26 -18.06
C GLU A 312 0.46 -22.66 -17.30
N SER A 313 -0.69 -21.97 -17.57
CA SER A 313 -1.96 -22.21 -16.86
C SER A 313 -3.24 -22.09 -17.74
N CYS A 314 -4.34 -22.76 -17.28
CA CYS A 314 -5.68 -22.78 -17.90
C CYS A 314 -6.78 -22.96 -16.83
N LEU A 315 -7.79 -22.05 -16.83
CA LEU A 315 -8.87 -22.12 -15.83
C LEU A 315 -10.25 -22.33 -16.47
N LEU A 317 -13.77 -21.75 -15.62
CA LEU A 317 -14.61 -21.02 -14.68
C LEU A 317 -16.00 -20.79 -15.23
N SER A 318 -16.98 -20.83 -14.32
CA SER A 318 -18.38 -20.58 -14.64
C SER A 318 -18.85 -19.35 -13.90
N ALA A 319 -19.54 -18.48 -14.64
CA ALA A 319 -20.16 -17.27 -14.13
C ALA A 319 -21.58 -17.65 -13.76
N SER A 320 -22.35 -16.70 -13.18
CA SER A 320 -23.75 -16.89 -12.78
C SER A 320 -24.70 -16.40 -13.85
N SER A 321 -24.22 -15.47 -14.70
CA SER A 321 -24.96 -14.83 -15.79
C SER A 321 -24.08 -14.72 -17.04
N CYS A 322 -24.72 -14.62 -18.22
CA CYS A 322 -24.00 -14.47 -19.46
C CYS A 322 -23.48 -13.02 -19.58
N ALA A 323 -23.96 -12.12 -18.71
CA ALA A 323 -23.55 -10.72 -18.61
C ALA A 323 -22.32 -10.62 -17.68
N GLU A 324 -22.30 -11.45 -16.58
CA GLU A 324 -21.18 -11.56 -15.65
C GLU A 324 -19.99 -12.14 -16.41
N ARG A 325 -20.26 -13.19 -17.23
CA ARG A 325 -19.29 -13.88 -18.09
C ARG A 325 -18.71 -12.91 -19.14
N ASP A 326 -19.55 -12.04 -19.70
CA ASP A 326 -19.13 -11.06 -20.71
C ASP A 326 -18.55 -9.79 -20.08
N GLU A 327 -18.83 -9.54 -18.76
CA GLU A 327 -18.26 -8.41 -18.03
C GLU A 327 -16.75 -8.68 -17.88
N TRP A 328 -16.41 -9.88 -17.38
CA TRP A 328 -15.05 -10.36 -17.20
C TRP A 328 -14.34 -10.51 -18.56
N TYR A 329 -15.05 -11.01 -19.59
CA TYR A 329 -14.46 -11.24 -20.91
C TYR A 329 -13.86 -9.96 -21.48
N GLY A 330 -14.66 -8.88 -21.52
CA GLY A 330 -14.28 -7.56 -22.00
C GLY A 330 -13.15 -6.93 -21.21
N CYS A 331 -13.13 -7.19 -19.89
CA CYS A 331 -12.10 -6.68 -19.00
C CYS A 331 -10.79 -7.46 -19.17
N LEU A 332 -10.86 -8.81 -19.20
CA LEU A 332 -9.68 -9.65 -19.41
C LEU A 332 -9.13 -9.41 -20.81
N SER A 333 -10.01 -9.00 -21.76
CA SER A 333 -9.65 -8.70 -23.15
C SER A 333 -8.86 -7.40 -23.23
N ARG A 334 -9.41 -6.30 -22.67
CA ARG A 334 -8.84 -4.93 -22.63
C ARG A 334 -7.36 -4.88 -22.22
N ALA A 335 -6.89 -5.84 -21.40
CA ALA A 335 -5.51 -5.91 -20.96
C ALA A 335 -4.84 -7.17 -21.52
#